data_2CFB
#
_entry.id   2CFB
#
_cell.length_a   108.920
_cell.length_b   108.920
_cell.length_c   93.390
_cell.angle_alpha   90.00
_cell.angle_beta   90.00
_cell.angle_gamma   90.00
#
_symmetry.space_group_name_H-M   'P 41 21 2'
#
loop_
_entity.id
_entity.type
_entity.pdbx_description
1 polymer 'GLUTAMATE-1-SEMIALDEHYDE 2,1-AMINOMUTASE'
2 non-polymer '(5-HYDROXY-4,6-DIMETHYLPYRIDIN-3-YL)METHYL DIHYDROGEN PHOSPHATE'
3 water water
#
_entity_poly.entity_id   1
_entity_poly.type   'polypeptide(L)'
_entity_poly.pdbx_seq_one_letter_code
;MPGGVSSPVRAFKSVGGQPIVFDHVKGAHIWDVDGNQYIDYVGSWGPAIVGHAHPEVIDALHAALEKGTSFGAPCLLENI
LAEMVIAAVPSVEMVRFVNSGTEACMAVLRLMRAYTQREKVIKFEGCYHGHADMFLVKAGSGVATLGLPDSPGVPKATTA
ATLTAPYNDLEAVSRLFEQYPNDIAGVILEPVVGNAGFIPPDAGFLEGLRELTKQYGALLVFDEVMTGFRIAYGGAQEKF
GVTPDLTTLGKVIGGGLPVGAYGGRAEIMKMVAPAGPVYQAGTLSGNPLAMTAGIKTLEILSRPGSYEHLDRITGKLVQG
LLDAAREFGHEVCGGHISGMFGLFFTAGPVTNYEQAKQSDLKKFAAFHRGMLEQGIYLAPSQFEAGFTSLAHTEADIERT
IAAARTVLSQL
;
_entity_poly.pdbx_strand_id   A
#
# COMPACT_ATOMS: atom_id res chain seq x y z
N PRO A 19 12.68 12.54 -16.80
CA PRO A 19 13.26 13.64 -15.97
C PRO A 19 12.26 14.77 -15.52
N ILE A 20 11.12 14.48 -14.85
CA ILE A 20 10.09 15.57 -14.45
C ILE A 20 10.22 16.13 -13.03
N VAL A 21 10.50 17.41 -12.95
CA VAL A 21 10.87 17.98 -11.70
C VAL A 21 9.78 18.78 -11.06
N PHE A 22 9.41 18.43 -9.84
CA PHE A 22 8.33 19.12 -9.13
C PHE A 22 8.68 20.45 -8.54
N ASP A 23 7.67 21.30 -8.47
CA ASP A 23 7.78 22.57 -7.75
C ASP A 23 6.97 22.52 -6.45
N HIS A 24 5.69 22.22 -6.58
CA HIS A 24 4.83 22.05 -5.41
C HIS A 24 3.63 21.16 -5.74
N VAL A 25 2.91 20.72 -4.72
CA VAL A 25 1.76 19.83 -4.92
C VAL A 25 0.76 20.29 -3.91
N LYS A 26 -0.50 20.04 -4.19
CA LYS A 26 -1.54 20.45 -3.29
C LYS A 26 -2.79 19.81 -3.80
N GLY A 27 -3.60 19.26 -2.89
CA GLY A 27 -4.81 18.56 -3.24
C GLY A 27 -4.54 17.37 -4.13
N ALA A 28 -5.16 17.33 -5.31
CA ALA A 28 -4.95 16.23 -6.27
C ALA A 28 -4.06 16.65 -7.39
N HIS A 29 -3.32 17.74 -7.21
CA HIS A 29 -2.56 18.32 -8.28
C HIS A 29 -1.12 18.43 -7.99
N ILE A 30 -0.33 18.52 -9.06
CA ILE A 30 1.10 18.70 -9.02
C ILE A 30 1.47 19.76 -10.02
N TRP A 31 2.43 20.61 -9.69
CA TRP A 31 2.93 21.63 -10.59
C TRP A 31 4.42 21.42 -10.79
N ASP A 32 4.88 21.54 -12.02
CA ASP A 32 6.29 21.31 -12.23
C ASP A 32 7.09 22.59 -12.36
N VAL A 33 8.41 22.42 -12.55
CA VAL A 33 9.23 23.60 -12.63
C VAL A 33 8.98 24.37 -13.87
N ASP A 34 8.26 23.83 -14.83
CA ASP A 34 7.97 24.65 -16.00
C ASP A 34 6.63 25.33 -15.83
N GLY A 35 5.90 25.04 -14.78
CA GLY A 35 4.57 25.64 -14.60
C GLY A 35 3.41 24.76 -15.04
N ASN A 36 3.69 23.51 -15.41
CA ASN A 36 2.62 22.59 -15.80
C ASN A 36 1.91 22.01 -14.62
N GLN A 37 0.60 22.13 -14.59
CA GLN A 37 -0.25 21.48 -13.60
C GLN A 37 -0.60 20.08 -14.11
N TYR A 38 -0.61 19.06 -13.23
CA TYR A 38 -1.14 17.72 -13.58
C TYR A 38 -2.15 17.21 -12.54
N ILE A 39 -2.79 16.09 -12.86
CA ILE A 39 -3.67 15.46 -11.89
C ILE A 39 -2.91 14.26 -11.43
N ASP A 40 -2.76 14.14 -10.13
CA ASP A 40 -1.86 13.13 -9.56
C ASP A 40 -2.56 11.80 -9.34
N TYR A 41 -1.91 10.74 -9.80
CA TYR A 41 -2.39 9.38 -9.56
C TYR A 41 -1.29 8.51 -8.98
N VAL A 42 -0.32 9.19 -8.38
CA VAL A 42 0.79 8.60 -7.68
C VAL A 42 0.72 8.82 -6.12
N GLY A 43 0.40 10.02 -5.62
CA GLY A 43 0.23 10.17 -4.15
C GLY A 43 1.52 10.07 -3.32
N SER A 44 2.64 10.41 -3.96
CA SER A 44 3.96 10.39 -3.32
C SER A 44 4.26 8.97 -3.00
N TRP A 45 3.68 8.09 -3.82
CA TRP A 45 3.77 6.64 -3.74
C TRP A 45 3.06 6.05 -2.58
N GLY A 46 1.95 6.65 -2.17
CA GLY A 46 1.09 6.04 -1.14
C GLY A 46 0.51 6.91 -0.03
N PRO A 47 1.35 7.69 0.63
CA PRO A 47 0.91 8.46 1.77
C PRO A 47 -0.23 9.45 1.57
N ALA A 48 -0.29 10.09 0.41
CA ALA A 48 -1.13 11.29 0.21
C ALA A 48 -2.60 11.04 0.07
N ILE A 49 -3.14 10.24 0.94
CA ILE A 49 -4.51 9.76 0.71
C ILE A 49 -5.56 10.84 0.91
N VAL A 50 -5.32 11.76 1.83
CA VAL A 50 -6.26 12.87 2.05
C VAL A 50 -5.90 14.07 1.19
N GLY A 51 -5.05 13.89 0.19
CA GLY A 51 -4.69 14.97 -0.68
C GLY A 51 -3.40 15.61 -0.21
N HIS A 52 -2.61 16.09 -1.18
CA HIS A 52 -1.39 16.80 -0.89
C HIS A 52 -1.67 18.08 -0.14
N ALA A 53 -0.76 18.45 0.77
CA ALA A 53 -0.78 19.74 1.49
C ALA A 53 -2.09 20.08 2.14
N HIS A 54 -2.75 19.08 2.72
CA HIS A 54 -4.04 19.28 3.36
C HIS A 54 -3.80 20.32 4.44
N PRO A 55 -4.62 21.37 4.45
CA PRO A 55 -4.47 22.50 5.37
C PRO A 55 -4.47 22.12 6.84
N GLU A 56 -5.35 21.21 7.25
CA GLU A 56 -5.35 20.79 8.66
C GLU A 56 -4.04 20.08 9.08
N VAL A 57 -3.54 19.22 8.21
CA VAL A 57 -2.26 18.60 8.43
C VAL A 57 -1.12 19.62 8.44
N ILE A 58 -1.06 20.42 7.42
CA ILE A 58 -0.08 21.46 7.36
C ILE A 58 -0.09 22.27 8.63
N ASP A 59 -1.29 22.65 9.14
CA ASP A 59 -1.35 23.45 10.40
C ASP A 59 -0.76 22.64 11.54
N ALA A 60 -1.17 21.40 11.65
CA ALA A 60 -0.70 20.56 12.74
C ALA A 60 0.84 20.55 12.74
N LEU A 61 1.37 20.49 11.53
CA LEU A 61 2.77 20.48 11.42
C LEU A 61 3.38 21.83 11.80
N HIS A 62 2.84 22.96 11.32
CA HIS A 62 3.47 24.25 11.68
C HIS A 62 3.68 24.33 13.19
N ALA A 63 2.70 23.85 13.94
CA ALA A 63 2.78 23.83 15.41
C ALA A 63 3.87 22.92 15.95
N ALA A 64 3.86 21.67 15.48
CA ALA A 64 4.75 20.63 15.93
C ALA A 64 6.19 21.01 15.68
N LEU A 65 6.34 21.70 14.56
CA LEU A 65 7.59 22.10 14.02
C LEU A 65 8.35 22.91 15.03
N GLU A 66 7.60 23.65 15.82
CA GLU A 66 8.21 24.57 16.74
C GLU A 66 8.71 23.89 18.01
N LYS A 67 8.35 22.62 18.19
CA LYS A 67 8.88 21.80 19.31
C LYS A 67 10.10 20.95 18.92
N GLY A 68 10.49 20.99 17.65
CA GLY A 68 11.63 20.18 17.16
C GLY A 68 11.28 19.28 15.98
N THR A 69 12.14 19.24 14.95
CA THR A 69 11.88 18.41 13.78
C THR A 69 12.13 16.95 14.17
N SER A 70 12.87 16.74 15.24
CA SER A 70 13.40 15.41 15.54
C SER A 70 14.01 15.30 16.96
N PHE A 71 13.70 14.17 17.60
CA PHE A 71 14.02 13.94 19.03
C PHE A 71 15.05 12.85 19.29
N GLY A 72 14.90 11.75 18.56
CA GLY A 72 15.83 10.65 18.67
C GLY A 72 15.43 9.74 19.79
N ALA A 73 14.43 10.18 20.54
CA ALA A 73 13.91 9.43 21.67
C ALA A 73 12.38 9.38 21.53
N PRO A 74 11.68 8.64 22.40
CA PRO A 74 10.23 8.63 22.19
C PRO A 74 9.52 9.90 22.72
N CYS A 75 8.24 10.05 22.36
CA CYS A 75 7.36 11.11 22.84
C CYS A 75 5.89 10.68 22.91
N LEU A 76 5.03 11.50 23.52
CA LEU A 76 3.63 11.10 23.75
C LEU A 76 2.88 10.83 22.50
N LEU A 77 3.25 11.53 21.43
CA LEU A 77 2.62 11.33 20.15
C LEU A 77 2.65 9.87 19.70
N GLU A 78 3.77 9.22 19.95
CA GLU A 78 3.88 7.81 19.61
C GLU A 78 2.64 7.10 20.12
N ASN A 79 2.28 7.36 21.37
CA ASN A 79 1.17 6.69 22.06
C ASN A 79 -0.19 6.98 21.48
N ILE A 80 -0.40 8.27 21.24
CA ILE A 80 -1.64 8.68 20.68
C ILE A 80 -1.82 7.93 19.37
N LEU A 81 -0.78 7.90 18.57
CA LEU A 81 -0.89 7.21 17.30
C LEU A 81 -1.10 5.71 17.46
N ALA A 82 -0.38 5.16 18.42
CA ALA A 82 -0.41 3.76 18.69
C ALA A 82 -1.81 3.32 19.02
N GLU A 83 -2.48 4.05 19.89
CA GLU A 83 -3.83 3.67 20.29
C GLU A 83 -4.80 3.88 19.14
N MET A 84 -4.49 4.81 18.26
CA MET A 84 -5.37 5.01 17.11
C MET A 84 -5.22 3.82 16.19
N VAL A 85 -3.98 3.35 16.07
CA VAL A 85 -3.71 2.20 15.24
C VAL A 85 -4.32 0.88 15.77
N ILE A 86 -4.12 0.62 17.06
CA ILE A 86 -4.64 -0.56 17.71
C ILE A 86 -6.17 -0.60 17.60
N ALA A 87 -6.73 0.57 17.68
CA ALA A 87 -8.11 0.69 17.63
C ALA A 87 -8.59 0.39 16.22
N ALA A 88 -7.79 0.77 15.21
CA ALA A 88 -8.22 0.68 13.82
C ALA A 88 -7.94 -0.64 13.18
N VAL A 89 -6.85 -1.28 13.54
CA VAL A 89 -6.52 -2.54 12.95
C VAL A 89 -6.79 -3.71 13.92
N PRO A 90 -7.54 -4.71 13.44
CA PRO A 90 -7.87 -5.81 14.34
C PRO A 90 -6.60 -6.48 14.94
N SER A 91 -5.87 -7.24 14.12
CA SER A 91 -4.71 -7.97 14.58
C SER A 91 -3.80 -7.18 15.53
N VAL A 92 -3.70 -5.87 15.33
CA VAL A 92 -2.87 -5.08 16.18
C VAL A 92 -3.42 -4.84 17.61
N GLU A 93 -2.75 -5.51 18.56
CA GLU A 93 -2.92 -5.32 20.00
C GLU A 93 -1.75 -4.58 20.59
N MET A 94 -0.61 -4.62 19.93
CA MET A 94 0.56 -3.91 20.41
C MET A 94 1.32 -3.51 19.19
N VAL A 95 1.90 -2.32 19.20
CA VAL A 95 2.58 -1.82 18.02
C VAL A 95 3.89 -1.08 18.40
N ARG A 96 4.84 -1.07 17.47
CA ARG A 96 6.12 -0.47 17.66
C ARG A 96 6.32 0.33 16.40
N PHE A 97 6.91 1.51 16.55
CA PHE A 97 7.23 2.46 15.44
C PHE A 97 8.73 2.44 15.13
N VAL A 98 9.05 2.60 13.87
CA VAL A 98 10.40 2.62 13.40
C VAL A 98 10.46 3.72 12.34
N ASN A 99 11.51 3.74 11.51
CA ASN A 99 11.77 4.86 10.60
C ASN A 99 11.27 4.79 9.22
N SER A 100 10.97 3.57 8.77
CA SER A 100 10.52 3.32 7.42
C SER A 100 9.69 2.10 7.46
N GLY A 101 8.89 1.91 6.43
CA GLY A 101 8.18 0.62 6.25
C GLY A 101 9.16 -0.52 6.00
N THR A 102 10.31 -0.22 5.41
CA THR A 102 11.23 -1.26 5.11
C THR A 102 11.68 -1.82 6.41
N GLU A 103 12.02 -0.91 7.28
CA GLU A 103 12.51 -1.31 8.58
C GLU A 103 11.47 -2.09 9.36
N ALA A 104 10.22 -1.71 9.23
CA ALA A 104 9.21 -2.45 9.91
C ALA A 104 9.16 -3.89 9.35
N CYS A 105 9.23 -4.05 8.03
CA CYS A 105 9.25 -5.38 7.46
C CYS A 105 10.45 -6.16 7.96
N MET A 106 11.54 -5.47 8.24
CA MET A 106 12.64 -6.26 8.75
C MET A 106 12.47 -6.67 10.18
N ALA A 107 11.92 -5.78 10.98
CA ALA A 107 11.68 -6.10 12.35
C ALA A 107 10.75 -7.33 12.36
N VAL A 108 9.69 -7.25 11.59
CA VAL A 108 8.70 -8.27 11.58
C VAL A 108 9.27 -9.63 11.16
N LEU A 109 10.22 -9.66 10.21
CA LEU A 109 10.88 -10.96 9.84
C LEU A 109 11.77 -11.54 10.94
N ARG A 110 12.45 -10.68 11.71
CA ARG A 110 13.23 -11.13 12.84
C ARG A 110 12.27 -11.69 13.84
N LEU A 111 11.14 -11.03 13.98
CA LEU A 111 10.17 -11.43 14.98
C LEU A 111 9.54 -12.78 14.68
N MET A 112 9.12 -13.01 13.45
CA MET A 112 8.51 -14.28 13.11
C MET A 112 9.41 -15.41 13.54
N ARG A 113 10.70 -15.19 13.35
CA ARG A 113 11.62 -16.25 13.52
C ARG A 113 11.92 -16.53 14.98
N ALA A 114 12.11 -15.48 15.75
CA ALA A 114 12.30 -15.61 17.17
C ALA A 114 11.05 -16.26 17.79
N TYR A 115 9.89 -15.82 17.32
CA TYR A 115 8.69 -16.30 17.92
C TYR A 115 8.55 -17.76 17.69
N THR A 116 8.65 -18.18 16.42
CA THR A 116 8.45 -19.59 16.06
C THR A 116 9.66 -20.43 16.33
N GLN A 117 10.82 -19.79 16.46
CA GLN A 117 12.08 -20.49 16.58
C GLN A 117 12.25 -21.36 15.36
N ARG A 118 11.88 -20.81 14.21
CA ARG A 118 12.01 -21.48 12.91
C ARG A 118 12.62 -20.47 11.95
N GLU A 119 13.22 -20.98 10.86
CA GLU A 119 13.99 -20.14 9.94
C GLU A 119 13.43 -19.79 8.58
N LYS A 120 12.56 -20.61 8.00
CA LYS A 120 12.16 -20.37 6.62
C LYS A 120 10.93 -19.51 6.58
N VAL A 121 10.88 -18.60 5.60
CA VAL A 121 9.74 -17.70 5.45
C VAL A 121 9.28 -17.73 3.99
N ILE A 122 7.98 -17.65 3.76
CA ILE A 122 7.46 -17.76 2.39
C ILE A 122 7.09 -16.39 1.87
N LYS A 123 7.61 -16.03 0.70
CA LYS A 123 7.29 -14.75 0.03
C LYS A 123 6.72 -15.11 -1.31
N PHE A 124 6.07 -14.15 -1.95
CA PHE A 124 5.52 -14.39 -3.27
C PHE A 124 6.27 -13.60 -4.29
N GLU A 125 6.38 -14.15 -5.48
CA GLU A 125 7.16 -13.54 -6.51
C GLU A 125 6.31 -12.41 -7.00
N GLY A 126 6.84 -11.20 -6.86
CA GLY A 126 6.15 -9.98 -7.26
C GLY A 126 5.97 -9.03 -6.09
N CYS A 127 5.95 -9.61 -4.90
CA CYS A 127 5.78 -8.80 -3.69
C CYS A 127 7.02 -7.99 -3.41
N TYR A 128 6.83 -6.84 -2.79
CA TYR A 128 7.93 -6.00 -2.44
C TYR A 128 7.86 -5.59 -0.96
N HIS A 129 8.91 -5.88 -0.20
CA HIS A 129 8.89 -5.50 1.22
C HIS A 129 10.05 -4.56 1.61
N GLY A 130 10.54 -3.75 0.66
CA GLY A 130 11.73 -2.90 0.87
C GLY A 130 12.96 -3.36 0.10
N HIS A 131 14.14 -3.08 0.63
CA HIS A 131 15.45 -3.31 -0.04
C HIS A 131 16.54 -3.71 0.98
N ALA A 160 18.26 -22.65 2.41
CA ALA A 160 17.77 -21.29 2.12
C ALA A 160 16.66 -20.81 3.11
N ALA A 161 16.75 -19.57 3.61
CA ALA A 161 15.80 -19.07 4.61
C ALA A 161 14.59 -18.41 3.96
N THR A 162 14.65 -18.28 2.64
CA THR A 162 13.52 -17.80 1.87
C THR A 162 13.03 -18.82 0.85
N LEU A 163 11.73 -19.02 0.82
CA LEU A 163 11.06 -19.83 -0.17
C LEU A 163 10.14 -18.85 -0.77
N THR A 164 9.93 -18.94 -2.07
CA THR A 164 8.97 -18.06 -2.71
C THR A 164 7.95 -18.92 -3.37
N ALA A 165 6.85 -18.32 -3.73
CA ALA A 165 5.83 -18.99 -4.50
C ALA A 165 5.22 -17.93 -5.38
N PRO A 166 4.41 -18.36 -6.33
CA PRO A 166 3.76 -17.31 -7.10
C PRO A 166 2.50 -16.82 -6.38
N TYR A 167 2.18 -15.54 -6.54
CA TYR A 167 1.07 -14.93 -5.82
C TYR A 167 -0.21 -15.67 -6.18
N ASN A 168 -1.21 -15.57 -5.34
CA ASN A 168 -2.49 -16.25 -5.56
C ASN A 168 -2.36 -17.77 -5.80
N ASP A 169 -1.20 -18.38 -5.53
CA ASP A 169 -1.03 -19.85 -5.71
C ASP A 169 -1.12 -20.66 -4.41
N LEU A 170 -2.34 -20.97 -4.01
CA LEU A 170 -2.59 -21.64 -2.74
C LEU A 170 -1.98 -23.04 -2.61
N GLU A 171 -1.78 -23.69 -3.73
CA GLU A 171 -1.24 -25.04 -3.77
C GLU A 171 0.25 -25.02 -3.52
N ALA A 172 0.98 -24.24 -4.29
CA ALA A 172 2.44 -24.17 -4.13
C ALA A 172 2.85 -23.91 -2.67
N VAL A 173 2.00 -23.19 -1.94
CA VAL A 173 2.31 -22.84 -0.56
C VAL A 173 2.13 -24.08 0.27
N SER A 174 0.93 -24.61 0.18
CA SER A 174 0.61 -25.84 0.82
C SER A 174 1.73 -26.86 0.62
N ARG A 175 2.26 -26.96 -0.59
CA ARG A 175 3.34 -27.89 -0.84
C ARG A 175 4.62 -27.58 -0.07
N LEU A 176 4.95 -26.31 0.04
CA LEU A 176 6.10 -25.92 0.82
C LEU A 176 5.96 -26.37 2.29
N PHE A 177 4.76 -26.26 2.84
CA PHE A 177 4.54 -26.74 4.20
C PHE A 177 4.68 -28.29 4.31
N GLU A 178 3.97 -29.00 3.42
CA GLU A 178 4.08 -30.46 3.36
C GLU A 178 5.53 -30.89 3.37
N GLN A 179 6.39 -30.09 2.76
CA GLN A 179 7.82 -30.39 2.65
C GLN A 179 8.72 -29.87 3.79
N TYR A 180 8.33 -28.78 4.44
CA TYR A 180 9.08 -28.23 5.56
C TYR A 180 8.10 -27.99 6.70
N PRO A 181 7.51 -29.07 7.20
CA PRO A 181 6.38 -28.98 8.10
C PRO A 181 6.78 -28.22 9.35
N ASN A 182 7.91 -28.61 9.94
CA ASN A 182 8.36 -27.92 11.14
C ASN A 182 9.33 -26.76 10.96
N ASP A 183 9.51 -26.19 9.77
CA ASP A 183 10.54 -25.12 9.66
C ASP A 183 10.10 -23.79 8.99
N ILE A 184 8.80 -23.62 8.75
CA ILE A 184 8.33 -22.33 8.24
C ILE A 184 7.95 -21.40 9.44
N ALA A 185 8.61 -20.26 9.60
CA ALA A 185 8.19 -19.35 10.61
C ALA A 185 6.84 -18.74 10.18
N GLY A 186 6.68 -18.45 8.90
CA GLY A 186 5.44 -17.85 8.48
C GLY A 186 5.39 -17.51 7.02
N VAL A 187 4.38 -16.74 6.66
CA VAL A 187 4.14 -16.34 5.29
C VAL A 187 3.92 -14.87 5.34
N ILE A 188 4.64 -14.12 4.53
CA ILE A 188 4.47 -12.68 4.51
C ILE A 188 4.00 -12.25 3.15
N LEU A 189 3.01 -11.38 3.13
CA LEU A 189 2.57 -10.90 1.85
C LEU A 189 1.90 -9.53 1.90
N GLU A 190 1.88 -8.90 0.73
CA GLU A 190 0.97 -7.79 0.47
C GLU A 190 -0.47 -8.47 0.23
N PRO A 191 -1.44 -8.20 1.13
CA PRO A 191 -2.81 -8.73 1.00
C PRO A 191 -3.52 -8.24 -0.29
N VAL A 192 -2.95 -7.18 -0.86
CA VAL A 192 -3.31 -6.66 -2.16
C VAL A 192 -1.99 -6.16 -2.74
N VAL A 193 -1.69 -6.55 -3.96
CA VAL A 193 -0.39 -6.24 -4.52
C VAL A 193 -0.43 -4.93 -5.24
N GLY A 194 0.58 -4.11 -4.97
CA GLY A 194 0.69 -2.80 -5.55
C GLY A 194 2.04 -2.60 -6.23
N ASN A 195 2.96 -3.56 -6.13
CA ASN A 195 4.28 -3.40 -6.76
C ASN A 195 4.61 -4.30 -7.95
N ALA A 196 3.58 -4.98 -8.41
CA ALA A 196 3.65 -5.81 -9.61
C ALA A 196 2.44 -5.40 -10.41
N GLY A 197 2.21 -4.10 -10.46
CA GLY A 197 0.95 -3.66 -10.91
C GLY A 197 0.03 -3.93 -9.74
N PHE A 198 -1.25 -3.96 -10.00
CA PHE A 198 -2.22 -4.03 -8.97
C PHE A 198 -2.88 -5.38 -9.06
N ILE A 199 -2.62 -6.24 -8.08
CA ILE A 199 -3.15 -7.59 -8.12
C ILE A 199 -3.85 -7.90 -6.84
N PRO A 200 -5.16 -8.02 -6.92
CA PRO A 200 -5.92 -8.33 -5.72
C PRO A 200 -5.84 -9.81 -5.43
N PRO A 201 -6.25 -10.21 -4.22
CA PRO A 201 -6.29 -11.62 -3.83
C PRO A 201 -7.49 -12.33 -4.39
N ASP A 202 -7.26 -13.53 -4.95
CA ASP A 202 -8.32 -14.40 -5.46
C ASP A 202 -9.27 -14.83 -4.32
N ALA A 203 -10.48 -15.22 -4.64
CA ALA A 203 -11.32 -15.85 -3.62
C ALA A 203 -10.55 -16.95 -2.83
N GLY A 204 -10.76 -16.99 -1.53
CA GLY A 204 -10.22 -18.07 -0.72
C GLY A 204 -8.71 -18.04 -0.53
N PHE A 205 -8.02 -17.12 -1.18
CA PHE A 205 -6.55 -17.13 -1.08
C PHE A 205 -6.02 -16.86 0.32
N LEU A 206 -6.52 -15.78 0.92
CA LEU A 206 -6.06 -15.34 2.24
C LEU A 206 -6.65 -16.23 3.33
N GLU A 207 -7.81 -16.80 3.04
CA GLU A 207 -8.44 -17.66 4.00
C GLU A 207 -7.60 -18.90 4.03
N GLY A 208 -7.11 -19.28 2.86
CA GLY A 208 -6.24 -20.44 2.73
C GLY A 208 -4.92 -20.25 3.45
N LEU A 209 -4.37 -19.05 3.31
CA LEU A 209 -3.12 -18.75 4.01
C LEU A 209 -3.31 -18.79 5.50
N ARG A 210 -4.48 -18.35 5.98
CA ARG A 210 -4.72 -18.45 7.40
C ARG A 210 -5.01 -19.92 7.82
N GLU A 211 -5.45 -20.75 6.90
CA GLU A 211 -5.64 -22.15 7.30
C GLU A 211 -4.32 -22.84 7.48
N LEU A 212 -3.41 -22.66 6.55
CA LEU A 212 -2.15 -23.37 6.58
C LEU A 212 -1.23 -22.96 7.71
N THR A 213 -1.13 -21.66 7.92
CA THR A 213 -0.30 -21.16 8.94
C THR A 213 -0.71 -21.78 10.26
N LYS A 214 -2.02 -21.71 10.59
CA LYS A 214 -2.56 -22.35 11.82
C LYS A 214 -2.13 -23.80 11.84
N GLN A 215 -2.43 -24.49 10.75
CA GLN A 215 -2.28 -25.94 10.66
C GLN A 215 -0.89 -26.36 10.96
N TYR A 216 0.09 -25.57 10.52
CA TYR A 216 1.51 -25.87 10.74
C TYR A 216 2.18 -24.97 11.77
N GLY A 217 1.45 -24.38 12.71
CA GLY A 217 2.10 -23.60 13.76
C GLY A 217 3.00 -22.51 13.19
N ALA A 218 2.57 -21.84 12.14
CA ALA A 218 3.37 -20.78 11.56
C ALA A 218 2.56 -19.48 11.55
N LEU A 219 3.24 -18.35 11.41
CA LEU A 219 2.60 -17.04 11.48
C LEU A 219 2.12 -16.54 10.13
N LEU A 220 1.07 -15.74 10.13
CA LEU A 220 0.60 -15.06 8.93
C LEU A 220 0.85 -13.61 9.11
N VAL A 221 1.81 -13.07 8.35
CA VAL A 221 2.17 -11.66 8.39
C VAL A 221 1.69 -10.88 7.18
N PHE A 222 0.92 -9.85 7.42
CA PHE A 222 0.49 -8.99 6.30
C PHE A 222 1.36 -7.76 6.18
N ASP A 223 1.81 -7.47 4.99
CA ASP A 223 2.46 -6.18 4.80
C ASP A 223 1.46 -5.16 4.30
N GLU A 224 1.05 -4.26 5.20
CA GLU A 224 0.07 -3.19 4.85
C GLU A 224 0.66 -1.76 4.93
N VAL A 225 1.92 -1.65 4.53
CA VAL A 225 2.57 -0.37 4.38
C VAL A 225 1.78 0.45 3.33
N MET A 226 1.34 -0.24 2.32
CA MET A 226 0.60 0.41 1.30
C MET A 226 -0.88 0.24 1.47
N THR A 227 -1.37 -0.94 1.79
CA THR A 227 -2.81 -1.11 1.82
C THR A 227 -3.36 -0.51 3.10
N GLY A 228 -2.52 -0.39 4.13
CA GLY A 228 -2.95 0.18 5.41
C GLY A 228 -3.74 1.49 5.28
N PHE A 229 -4.86 1.61 5.96
CA PHE A 229 -5.68 2.81 5.84
C PHE A 229 -6.06 3.28 4.43
N ARG A 230 -5.67 2.53 3.41
CA ARG A 230 -6.01 2.90 2.03
C ARG A 230 -7.10 2.02 1.48
N ILE A 231 -6.91 0.72 1.57
CA ILE A 231 -7.92 -0.21 1.16
C ILE A 231 -9.16 -0.03 2.03
N ALA A 232 -8.94 0.22 3.33
CA ALA A 232 -10.01 0.49 4.32
C ALA A 232 -9.34 1.07 5.58
N TYR A 233 -10.10 1.60 6.52
CA TYR A 233 -9.52 2.19 7.73
C TYR A 233 -8.79 1.08 8.49
N GLY A 234 -9.48 -0.07 8.55
CA GLY A 234 -8.94 -1.29 9.17
C GLY A 234 -7.91 -2.03 8.31
N GLY A 235 -7.58 -1.47 7.14
CA GLY A 235 -6.69 -2.10 6.22
C GLY A 235 -7.41 -3.22 5.48
N ALA A 236 -6.63 -3.92 4.65
CA ALA A 236 -7.17 -4.98 3.83
C ALA A 236 -7.61 -6.12 4.76
N GLN A 237 -6.90 -6.25 5.90
CA GLN A 237 -7.26 -7.33 6.84
C GLN A 237 -8.71 -7.20 7.28
N GLU A 238 -9.05 -6.00 7.75
CA GLU A 238 -10.38 -5.65 8.20
C GLU A 238 -11.39 -5.76 7.01
N LYS A 239 -11.00 -5.33 5.79
CA LYS A 239 -11.94 -5.35 4.64
C LYS A 239 -12.26 -6.74 4.17
N PHE A 240 -11.25 -7.61 4.09
CA PHE A 240 -11.51 -8.99 3.72
C PHE A 240 -11.83 -9.89 4.91
N GLY A 241 -11.85 -9.34 6.12
CA GLY A 241 -12.23 -10.12 7.30
C GLY A 241 -11.35 -11.34 7.61
N VAL A 242 -10.06 -11.20 7.31
CA VAL A 242 -9.00 -12.16 7.64
C VAL A 242 -7.96 -11.48 8.56
N THR A 243 -7.63 -12.14 9.68
CA THR A 243 -6.72 -11.55 10.63
C THR A 243 -5.34 -12.22 10.70
N PRO A 244 -4.29 -11.46 10.41
CA PRO A 244 -2.99 -12.07 10.55
C PRO A 244 -2.53 -12.03 11.98
N ASP A 245 -1.37 -12.61 12.26
CA ASP A 245 -0.72 -12.57 13.55
C ASP A 245 0.13 -11.34 13.67
N LEU A 246 0.63 -10.87 12.53
CA LEU A 246 1.43 -9.63 12.53
C LEU A 246 1.14 -8.80 11.29
N THR A 247 1.31 -7.48 11.45
CA THR A 247 1.05 -6.52 10.41
C THR A 247 2.08 -5.40 10.42
N THR A 248 2.43 -4.94 9.23
CA THR A 248 3.31 -3.83 9.08
C THR A 248 2.56 -2.66 8.45
N LEU A 249 2.96 -1.48 8.89
CA LEU A 249 2.28 -0.27 8.57
C LEU A 249 3.27 0.81 8.24
N GLY A 250 2.77 1.83 7.51
CA GLY A 250 3.61 2.90 7.02
C GLY A 250 2.89 3.89 6.13
N LYS A 251 3.59 4.40 5.15
CA LYS A 251 3.08 5.35 4.19
C LYS A 251 2.07 6.33 4.78
N VAL A 252 0.80 6.02 4.69
CA VAL A 252 -0.24 6.93 5.15
C VAL A 252 -0.07 7.37 6.58
N ILE A 253 0.33 6.48 7.47
CA ILE A 253 0.39 6.81 8.90
C ILE A 253 1.55 7.78 9.25
N GLY A 254 2.34 8.19 8.27
CA GLY A 254 3.38 9.19 8.49
C GLY A 254 2.99 10.51 7.89
N GLY A 255 1.77 10.54 7.34
CA GLY A 255 1.19 11.71 6.64
C GLY A 255 2.08 12.35 5.60
N GLY A 256 2.86 11.55 4.90
CA GLY A 256 3.73 12.14 3.93
C GLY A 256 5.16 12.20 4.40
N LEU A 257 5.43 12.10 5.70
CA LEU A 257 6.82 12.02 6.21
C LEU A 257 7.08 10.57 6.41
N PRO A 258 8.34 10.18 6.38
CA PRO A 258 8.74 8.79 6.54
C PRO A 258 8.55 8.25 7.92
N VAL A 259 8.07 7.02 7.96
CA VAL A 259 7.72 6.33 9.21
C VAL A 259 7.35 4.86 8.95
N GLY A 260 7.36 4.05 10.00
CA GLY A 260 6.93 2.66 9.87
C GLY A 260 6.45 2.08 11.17
N ALA A 261 5.68 1.00 11.07
CA ALA A 261 5.23 0.36 12.29
C ALA A 261 4.92 -1.09 12.09
N TYR A 262 5.07 -1.86 13.17
CA TYR A 262 4.77 -3.26 13.12
C TYR A 262 3.98 -3.62 14.37
N GLY A 263 3.00 -4.50 14.23
CA GLY A 263 2.22 -4.89 15.39
C GLY A 263 1.50 -6.20 15.21
N GLY A 264 0.77 -6.64 16.23
CA GLY A 264 -0.03 -7.86 16.14
C GLY A 264 -0.43 -8.40 17.51
N ARG A 265 -0.70 -9.70 17.57
CA ARG A 265 -1.02 -10.40 18.83
C ARG A 265 -0.03 -9.98 19.92
N ALA A 266 -0.58 -9.79 21.10
CA ALA A 266 0.23 -9.32 22.22
C ALA A 266 1.34 -10.30 22.64
N GLU A 267 0.97 -11.56 22.78
CA GLU A 267 1.93 -12.59 23.15
C GLU A 267 3.13 -12.60 22.21
N ILE A 268 2.93 -12.21 20.97
CA ILE A 268 4.04 -12.17 20.06
C ILE A 268 4.83 -10.87 20.34
N MET A 269 4.15 -9.73 20.27
CA MET A 269 4.82 -8.48 20.43
C MET A 269 5.62 -8.39 21.76
N LYS A 270 5.14 -9.03 22.82
CA LYS A 270 5.84 -9.02 24.13
C LYS A 270 7.28 -9.45 23.94
N MET A 271 7.54 -10.31 22.96
CA MET A 271 8.91 -10.73 22.65
C MET A 271 9.83 -9.59 22.26
N VAL A 272 9.29 -8.47 21.77
CA VAL A 272 10.10 -7.26 21.50
C VAL A 272 10.30 -6.64 22.90
N ALA A 273 11.42 -6.98 23.51
CA ALA A 273 11.69 -6.67 24.93
C ALA A 273 13.10 -6.09 25.08
N PRO A 274 13.39 -5.48 26.26
CA PRO A 274 14.81 -5.17 26.56
C PRO A 274 15.80 -6.38 26.47
N ALA A 275 16.20 -6.76 25.24
CA ALA A 275 17.31 -7.72 24.95
C ALA A 275 17.10 -8.89 23.96
N GLY A 276 16.58 -8.60 22.76
CA GLY A 276 16.65 -9.51 21.60
C GLY A 276 15.36 -10.15 21.10
N PRO A 277 14.80 -9.67 19.94
CA PRO A 277 15.08 -8.47 19.07
C PRO A 277 14.19 -7.24 19.35
N THR A 283 17.43 4.16 19.49
CA THR A 283 17.40 5.45 18.77
C THR A 283 16.31 5.51 17.69
N LEU A 284 15.74 4.35 17.40
CA LEU A 284 14.85 4.12 16.27
C LEU A 284 13.33 4.23 16.70
N SER A 285 12.88 5.48 16.82
CA SER A 285 11.56 5.84 17.31
C SER A 285 10.94 6.63 16.19
N GLY A 286 9.67 6.97 16.35
CA GLY A 286 8.93 7.73 15.34
C GLY A 286 9.26 9.21 15.37
N ASN A 287 9.51 9.79 14.20
CA ASN A 287 9.72 11.20 14.10
C ASN A 287 8.45 11.90 14.54
N PRO A 288 8.60 12.92 15.38
CA PRO A 288 7.40 13.55 15.92
C PRO A 288 6.51 14.27 14.89
N LEU A 289 7.09 14.73 13.76
CA LEU A 289 6.31 15.45 12.76
C LEU A 289 5.49 14.39 12.01
N ALA A 290 6.18 13.29 11.73
CA ALA A 290 5.57 12.17 11.08
C ALA A 290 4.35 11.69 11.88
N MET A 291 4.48 11.66 13.19
CA MET A 291 3.38 11.19 14.05
C MET A 291 2.22 12.25 14.01
N THR A 292 2.59 13.52 14.20
CA THR A 292 1.66 14.64 14.13
C THR A 292 0.88 14.55 12.84
N ALA A 293 1.54 14.26 11.72
CA ALA A 293 0.84 14.15 10.46
C ALA A 293 0.00 12.87 10.38
N GLY A 294 0.55 11.78 10.90
CA GLY A 294 -0.17 10.52 10.87
C GLY A 294 -1.49 10.63 11.60
N ILE A 295 -1.44 11.28 12.75
CA ILE A 295 -2.60 11.41 13.62
C ILE A 295 -3.69 12.24 12.92
N LYS A 296 -3.27 13.37 12.35
CA LYS A 296 -4.24 14.22 11.71
C LYS A 296 -4.85 13.48 10.52
N THR A 297 -3.98 12.87 9.72
CA THR A 297 -4.40 12.15 8.53
C THR A 297 -5.54 11.12 8.88
N LEU A 298 -5.30 10.28 9.88
CA LEU A 298 -6.31 9.28 10.26
C LEU A 298 -7.58 9.91 10.75
N GLU A 299 -7.46 11.00 11.50
CA GLU A 299 -8.64 11.72 11.98
C GLU A 299 -9.53 12.09 10.83
N ILE A 300 -8.91 12.59 9.77
CA ILE A 300 -9.62 13.03 8.59
C ILE A 300 -10.28 11.82 7.93
N LEU A 301 -9.50 10.75 7.83
CA LEU A 301 -10.00 9.56 7.21
C LEU A 301 -11.21 8.91 7.88
N SER A 302 -11.28 9.05 9.20
CA SER A 302 -12.33 8.44 9.99
C SER A 302 -13.59 9.28 10.00
N ARG A 303 -13.58 10.39 9.26
CA ARG A 303 -14.84 11.13 9.04
C ARG A 303 -15.76 10.38 8.06
N PRO A 304 -17.05 10.58 8.22
CA PRO A 304 -18.01 9.93 7.33
C PRO A 304 -17.74 10.25 5.85
N GLY A 305 -17.90 9.28 4.97
CA GLY A 305 -17.77 9.56 3.53
C GLY A 305 -16.45 9.25 2.84
N SER A 306 -15.36 9.24 3.60
CA SER A 306 -14.01 8.98 3.07
C SER A 306 -13.89 7.80 2.13
N TYR A 307 -14.18 6.62 2.64
CA TYR A 307 -13.85 5.43 1.90
C TYR A 307 -14.86 5.18 0.79
N GLU A 308 -16.10 5.63 1.00
CA GLU A 308 -17.12 5.53 -0.04
C GLU A 308 -16.69 6.43 -1.21
N HIS A 309 -16.14 7.60 -0.87
CA HIS A 309 -15.69 8.53 -1.90
C HIS A 309 -14.58 7.92 -2.77
N LEU A 310 -13.65 7.22 -2.12
CA LEU A 310 -12.54 6.66 -2.84
C LEU A 310 -13.02 5.61 -3.78
N ASP A 311 -13.87 4.75 -3.28
CA ASP A 311 -14.42 3.67 -4.09
C ASP A 311 -15.10 4.30 -5.34
N ARG A 312 -16.02 5.24 -5.11
CA ARG A 312 -16.74 5.90 -6.19
C ARG A 312 -15.86 6.43 -7.31
N ILE A 313 -15.06 7.43 -7.05
CA ILE A 313 -14.15 7.95 -8.10
C ILE A 313 -13.21 6.92 -8.76
N THR A 314 -12.65 6.02 -7.98
CA THR A 314 -11.71 5.02 -8.51
C THR A 314 -12.40 4.00 -9.48
N GLY A 315 -13.57 3.49 -9.10
CA GLY A 315 -14.41 2.69 -10.03
C GLY A 315 -14.67 3.45 -11.33
N LYS A 316 -15.32 4.60 -11.24
CA LYS A 316 -15.50 5.49 -12.40
C LYS A 316 -14.20 5.56 -13.20
N LEU A 317 -13.09 5.85 -12.53
CA LEU A 317 -11.80 6.04 -13.21
C LEU A 317 -11.28 4.80 -13.96
N VAL A 318 -11.09 3.71 -13.22
CA VAL A 318 -10.72 2.43 -13.81
C VAL A 318 -11.71 2.07 -14.93
N GLN A 319 -12.99 2.17 -14.66
CA GLN A 319 -13.94 1.76 -15.67
C GLN A 319 -13.79 2.60 -16.93
N GLY A 320 -13.71 3.92 -16.77
CA GLY A 320 -13.53 4.79 -17.91
C GLY A 320 -12.31 4.32 -18.66
N LEU A 321 -11.15 4.31 -18.01
CA LEU A 321 -9.92 3.84 -18.64
C LEU A 321 -10.14 2.53 -19.44
N LEU A 322 -10.77 1.56 -18.82
CA LEU A 322 -11.04 0.30 -19.48
C LEU A 322 -11.94 0.47 -20.73
N ASP A 323 -12.98 1.30 -20.59
CA ASP A 323 -13.88 1.57 -21.72
C ASP A 323 -13.12 2.24 -22.87
N ALA A 324 -12.42 3.33 -22.54
CA ALA A 324 -11.64 4.08 -23.50
C ALA A 324 -10.59 3.26 -24.26
N ALA A 325 -9.97 2.25 -23.64
CA ALA A 325 -8.95 1.44 -24.40
C ALA A 325 -9.65 0.54 -25.40
N ARG A 326 -10.63 -0.19 -24.88
CA ARG A 326 -11.46 -1.07 -25.67
C ARG A 326 -12.24 -0.28 -26.68
N GLU A 327 -12.44 1.01 -26.43
CA GLU A 327 -13.07 1.87 -27.45
C GLU A 327 -12.19 1.94 -28.70
N PHE A 328 -10.95 1.50 -28.57
CA PHE A 328 -10.00 1.58 -29.67
C PHE A 328 -9.21 0.29 -29.85
N GLY A 329 -9.84 -0.83 -29.46
CA GLY A 329 -9.32 -2.15 -29.79
C GLY A 329 -8.05 -2.55 -29.07
N HIS A 330 -7.84 -2.02 -27.88
CA HIS A 330 -6.72 -2.46 -27.14
C HIS A 330 -7.17 -3.52 -26.16
N GLU A 331 -6.38 -4.58 -26.05
CA GLU A 331 -6.59 -5.59 -25.02
C GLU A 331 -6.00 -5.06 -23.74
N VAL A 332 -6.88 -4.97 -22.73
CA VAL A 332 -6.53 -4.49 -21.40
C VAL A 332 -7.48 -5.08 -20.37
N CYS A 333 -7.08 -4.98 -19.11
CA CYS A 333 -7.95 -5.29 -17.97
C CYS A 333 -7.34 -4.61 -16.73
N GLY A 334 -8.10 -4.60 -15.65
CA GLY A 334 -7.65 -4.00 -14.42
C GLY A 334 -8.75 -3.84 -13.39
N GLY A 335 -8.47 -3.15 -12.30
CA GLY A 335 -9.51 -2.93 -11.31
C GLY A 335 -9.04 -1.98 -10.24
N HIS A 336 -9.86 -1.84 -9.22
CA HIS A 336 -9.53 -1.00 -8.13
C HIS A 336 -10.08 -1.63 -6.87
N ILE A 337 -9.46 -1.33 -5.74
CA ILE A 337 -10.17 -1.57 -4.50
C ILE A 337 -10.01 -0.29 -3.78
N SER A 338 -11.11 0.35 -3.41
CA SER A 338 -11.00 1.62 -2.73
C SER A 338 -10.03 2.47 -3.56
N GLY A 339 -9.22 3.30 -2.91
CA GLY A 339 -8.28 4.19 -3.61
C GLY A 339 -7.00 3.59 -4.20
N MET A 340 -7.08 2.34 -4.66
CA MET A 340 -5.95 1.67 -5.25
C MET A 340 -6.39 0.96 -6.50
N PHE A 341 -5.66 1.19 -7.60
CA PHE A 341 -6.14 0.68 -8.88
C PHE A 341 -5.03 0.40 -9.86
N GLY A 342 -5.40 -0.20 -10.97
CA GLY A 342 -4.47 -0.57 -11.98
C GLY A 342 -5.15 -0.96 -13.29
N LEU A 343 -4.36 -0.87 -14.34
CA LEU A 343 -4.77 -1.22 -15.66
C LEU A 343 -3.58 -1.82 -16.39
N PHE A 344 -3.69 -3.08 -16.80
CA PHE A 344 -2.60 -3.71 -17.53
C PHE A 344 -2.93 -3.72 -19.02
N PHE A 345 -1.89 -3.57 -19.85
CA PHE A 345 -2.09 -3.73 -21.32
C PHE A 345 -1.88 -5.20 -21.73
N THR A 346 -2.87 -6.03 -21.41
CA THR A 346 -2.98 -7.46 -21.78
C THR A 346 -4.45 -7.72 -21.56
N ALA A 347 -4.99 -8.83 -22.05
CA ALA A 347 -6.36 -9.11 -21.73
C ALA A 347 -6.39 -9.82 -20.38
N GLY A 348 -5.34 -10.58 -20.07
CA GLY A 348 -5.23 -11.23 -18.76
C GLY A 348 -6.33 -12.25 -18.52
N PRO A 349 -6.95 -12.26 -17.33
CA PRO A 349 -6.68 -11.32 -16.25
C PRO A 349 -5.38 -11.62 -15.56
N VAL A 350 -5.01 -10.71 -14.66
CA VAL A 350 -3.80 -10.86 -13.94
C VAL A 350 -4.10 -11.18 -12.49
N THR A 351 -3.63 -12.35 -12.09
CA THR A 351 -3.75 -12.85 -10.73
C THR A 351 -2.33 -13.08 -10.15
N ASN A 352 -1.30 -12.85 -10.97
CA ASN A 352 0.06 -13.02 -10.54
C ASN A 352 1.02 -12.34 -11.46
N TYR A 353 2.23 -12.19 -10.96
CA TYR A 353 3.28 -11.45 -11.57
C TYR A 353 3.72 -11.84 -12.98
N GLU A 354 3.94 -13.14 -13.20
CA GLU A 354 4.25 -13.64 -14.55
C GLU A 354 3.14 -13.20 -15.52
N GLN A 355 1.88 -13.29 -15.09
CA GLN A 355 0.78 -12.77 -15.88
C GLN A 355 0.91 -11.23 -16.09
N ALA A 356 1.10 -10.47 -15.04
CA ALA A 356 1.38 -9.04 -15.22
C ALA A 356 2.50 -8.80 -16.28
N LYS A 357 3.56 -9.62 -16.24
CA LYS A 357 4.70 -9.45 -17.16
C LYS A 357 4.32 -9.69 -18.61
N GLN A 358 3.07 -10.08 -18.85
CA GLN A 358 2.49 -10.20 -20.20
C GLN A 358 2.26 -8.83 -20.84
N SER A 359 1.95 -7.86 -20.00
CA SER A 359 1.70 -6.51 -20.43
C SER A 359 2.66 -5.96 -21.48
N ASP A 360 2.06 -5.26 -22.42
CA ASP A 360 2.78 -4.63 -23.51
C ASP A 360 3.35 -3.33 -23.00
N LEU A 361 4.64 -3.37 -22.71
CA LEU A 361 5.30 -2.26 -22.11
C LEU A 361 5.49 -1.13 -23.06
N LYS A 362 5.63 -1.42 -24.35
CA LYS A 362 5.75 -0.33 -25.35
C LYS A 362 4.45 0.49 -25.43
N LYS A 363 3.31 -0.19 -25.34
CA LYS A 363 2.03 0.52 -25.29
C LYS A 363 1.98 1.40 -24.03
N PHE A 364 2.17 0.78 -22.88
CA PHE A 364 2.14 1.50 -21.63
C PHE A 364 3.03 2.75 -21.69
N ALA A 365 4.29 2.55 -22.05
CA ALA A 365 5.22 3.66 -22.19
C ALA A 365 4.59 4.80 -22.98
N ALA A 366 4.04 4.46 -24.14
CA ALA A 366 3.39 5.42 -25.02
C ALA A 366 2.22 6.09 -24.33
N PHE A 367 1.34 5.28 -23.79
CA PHE A 367 0.19 5.77 -23.03
C PHE A 367 0.63 6.76 -21.95
N HIS A 368 1.59 6.31 -21.15
CA HIS A 368 2.12 7.13 -20.07
C HIS A 368 2.60 8.50 -20.54
N ARG A 369 3.43 8.48 -21.57
CA ARG A 369 3.98 9.69 -22.12
C ARG A 369 2.84 10.55 -22.68
N GLY A 370 1.91 9.90 -23.39
CA GLY A 370 0.72 10.56 -23.89
C GLY A 370 -0.05 11.22 -22.76
N MET A 371 -0.37 10.46 -21.71
CA MET A 371 -1.13 11.00 -20.62
C MET A 371 -0.42 12.19 -19.98
N LEU A 372 0.90 12.11 -19.85
CA LEU A 372 1.65 13.24 -19.30
C LEU A 372 1.35 14.54 -20.05
N GLU A 373 1.46 14.53 -21.39
CA GLU A 373 1.12 15.69 -22.22
C GLU A 373 -0.32 16.11 -22.01
N GLN A 374 -1.21 15.16 -21.75
CA GLN A 374 -2.59 15.51 -21.45
C GLN A 374 -2.80 16.04 -20.03
N GLY A 375 -1.72 16.36 -19.32
CA GLY A 375 -1.80 16.92 -17.96
C GLY A 375 -2.11 15.89 -16.89
N ILE A 376 -1.78 14.62 -17.17
CA ILE A 376 -2.03 13.52 -16.23
C ILE A 376 -0.75 12.84 -15.89
N TYR A 377 -0.59 12.60 -14.60
CA TYR A 377 0.59 12.03 -13.99
C TYR A 377 0.30 10.64 -13.37
N LEU A 378 0.67 9.63 -14.12
CA LEU A 378 0.48 8.27 -13.73
C LEU A 378 1.86 7.76 -13.37
N ALA A 379 1.93 6.71 -12.55
CA ALA A 379 3.22 6.09 -12.30
C ALA A 379 3.86 5.69 -13.61
N PRO A 380 5.18 5.90 -13.71
CA PRO A 380 5.94 5.60 -14.93
C PRO A 380 6.04 4.14 -15.25
N SER A 381 5.86 3.25 -14.29
CA SER A 381 5.92 1.83 -14.58
C SER A 381 4.59 1.13 -14.63
N GLN A 382 4.46 0.19 -15.56
CA GLN A 382 3.26 -0.63 -15.64
C GLN A 382 3.10 -1.41 -14.34
N PHE A 383 4.21 -1.65 -13.65
CA PHE A 383 4.15 -2.45 -12.42
C PHE A 383 4.00 -1.73 -11.08
N GLU A 384 3.46 -0.50 -11.12
CA GLU A 384 3.09 0.22 -9.89
C GLU A 384 1.57 0.51 -9.94
N ALA A 385 0.86 0.31 -8.86
CA ALA A 385 -0.55 0.56 -8.89
C ALA A 385 -0.84 2.04 -8.74
N GLY A 386 -2.05 2.44 -9.06
CA GLY A 386 -2.43 3.83 -8.91
C GLY A 386 -3.14 4.15 -7.61
N PHE A 387 -3.23 5.46 -7.33
CA PHE A 387 -3.85 5.94 -6.08
C PHE A 387 -4.67 7.18 -6.32
N THR A 388 -5.89 7.17 -5.82
CA THR A 388 -6.74 8.31 -5.84
C THR A 388 -6.68 8.91 -4.41
N SER A 389 -7.13 10.16 -4.20
CA SER A 389 -7.17 10.82 -2.85
C SER A 389 -8.49 11.47 -2.56
N LEU A 390 -8.69 11.88 -1.32
CA LEU A 390 -9.97 12.50 -0.98
C LEU A 390 -10.18 13.84 -1.64
N ALA A 391 -9.14 14.37 -2.29
CA ALA A 391 -9.19 15.68 -2.95
C ALA A 391 -9.67 15.52 -4.37
N HIS A 392 -9.41 14.33 -4.93
CA HIS A 392 -9.87 14.06 -6.27
C HIS A 392 -11.39 14.32 -6.37
N THR A 393 -11.83 15.05 -7.39
CA THR A 393 -13.26 15.30 -7.64
C THR A 393 -13.76 14.54 -8.86
N GLU A 394 -15.05 14.23 -8.90
CA GLU A 394 -15.59 13.58 -10.07
C GLU A 394 -15.15 14.33 -11.35
N ALA A 395 -15.14 15.65 -11.29
CA ALA A 395 -14.65 16.45 -12.41
C ALA A 395 -13.21 16.00 -12.77
N ASP A 396 -12.28 16.05 -11.79
CA ASP A 396 -10.92 15.51 -11.99
C ASP A 396 -10.87 14.15 -12.79
N ILE A 397 -11.85 13.29 -12.56
CA ILE A 397 -11.85 11.95 -13.13
C ILE A 397 -12.25 11.94 -14.58
N GLU A 398 -13.31 12.69 -14.90
CA GLU A 398 -13.73 12.84 -16.29
C GLU A 398 -12.63 13.39 -17.17
N ARG A 399 -11.97 14.46 -16.72
CA ARG A 399 -10.85 15.02 -17.45
C ARG A 399 -9.81 13.93 -17.70
N THR A 400 -9.61 13.08 -16.69
CA THR A 400 -8.65 11.99 -16.81
C THR A 400 -9.03 10.94 -17.87
N ILE A 401 -10.34 10.73 -18.00
CA ILE A 401 -10.88 9.83 -19.00
C ILE A 401 -10.76 10.44 -20.37
N ALA A 402 -11.14 11.71 -20.47
CA ALA A 402 -10.99 12.45 -21.74
C ALA A 402 -9.59 12.29 -22.23
N ALA A 403 -8.64 12.54 -21.33
CA ALA A 403 -7.26 12.47 -21.64
C ALA A 403 -7.00 11.10 -22.19
N ALA A 404 -7.40 10.10 -21.41
CA ALA A 404 -7.23 8.70 -21.79
C ALA A 404 -7.68 8.44 -23.23
N ARG A 405 -8.89 8.87 -23.55
CA ARG A 405 -9.44 8.62 -24.90
C ARG A 405 -8.58 9.28 -25.99
N THR A 406 -8.34 10.56 -25.82
CA THR A 406 -7.46 11.27 -26.72
C THR A 406 -6.16 10.50 -26.95
N VAL A 407 -5.54 10.04 -25.89
CA VAL A 407 -4.25 9.38 -25.99
C VAL A 407 -4.35 8.01 -26.64
N LEU A 408 -5.35 7.23 -26.24
CA LEU A 408 -5.49 5.86 -26.70
C LEU A 408 -5.95 5.74 -28.13
N SER A 409 -6.62 6.77 -28.61
CA SER A 409 -7.10 6.77 -29.96
C SER A 409 -6.01 7.27 -30.85
N GLN A 410 -4.76 6.95 -30.55
CA GLN A 410 -3.65 7.36 -31.40
C GLN A 410 -2.49 6.38 -31.35
N LEU A 411 -2.73 5.22 -30.74
CA LEU A 411 -1.77 4.16 -30.74
C LEU A 411 -2.44 3.02 -31.47
#